data_5EUA
#
_entry.id   5EUA
#
_cell.length_a   70.530
_cell.length_b   80.910
_cell.length_c   86.640
_cell.angle_alpha   90.00
_cell.angle_beta   90.00
_cell.angle_gamma   90.00
#
_symmetry.space_group_name_H-M   'P 21 21 21'
#
loop_
_entity.id
_entity.type
_entity.pdbx_description
1 polymer Beta-lactamase
2 non-polymer '(2R)-2-[(1R)-1-{[(2R)-2-carboxy-2-(4-hydroxyphenyl)acetyl]amino}-1-methoxy-2-oxoethyl]-5-methylidene-5,6-dihydro-2H-1,3 -oxazine-4-carboxylic acid'
3 non-polymer 'SODIUM ION'
4 water water
#
_entity_poly.entity_id   1
_entity_poly.type   'polypeptide(L)'
_entity_poly.pdbx_seq_one_letter_code
;QADFEHAISDLEAHNQAKIGVALVSENGNLIQGYRANERFAMCSTFKLPLAALVLSRIDAGEENPERKLHYDSAFLEEYA
PAAKRYVATGYMTVTEAIQSALQLSDNAAANLLLKEVGGPPLLTKYFRSLGDKVSRLDRIEPTLNTNTPGDERDTTTPMS
MAQTVSKLIFGDTLTYKSKGQLRRLLIGNQTGDKTIRAGLPDSWVTGDKTGSCANGGRNDVAFFITTAGKKYVLSVYTNA
PELQGEERALLIASVAKLARQYVVH
;
_entity_poly.pdbx_strand_id   A,B
#
# COMPACT_ATOMS: atom_id res chain seq x y z
N ASP A 3 -7.06 33.01 -18.98
CA ASP A 3 -7.90 33.00 -17.76
C ASP A 3 -8.39 31.58 -17.50
N PHE A 4 -8.71 31.32 -16.25
CA PHE A 4 -8.97 29.97 -15.80
C PHE A 4 -10.23 29.40 -16.48
N GLU A 5 -11.29 30.20 -16.52
CA GLU A 5 -12.57 29.74 -17.03
C GLU A 5 -12.42 29.30 -18.47
N HIS A 6 -11.62 30.04 -19.24
CA HIS A 6 -11.40 29.71 -20.63
C HIS A 6 -10.61 28.41 -20.80
N ALA A 7 -9.57 28.28 -20.02
CA ALA A 7 -8.69 27.12 -20.09
C ALA A 7 -9.42 25.80 -19.72
N ILE A 8 -10.25 25.83 -18.66
CA ILE A 8 -10.99 24.61 -18.28
C ILE A 8 -12.09 24.35 -19.31
N SER A 9 -12.73 25.42 -19.76
CA SER A 9 -13.78 25.32 -20.76
C SER A 9 -13.26 24.66 -22.03
N ASP A 10 -12.07 25.01 -22.47
CA ASP A 10 -11.48 24.30 -23.63
C ASP A 10 -11.19 22.82 -23.38
N LEU A 11 -10.73 22.49 -22.18
CA LEU A 11 -10.44 21.10 -21.83
C LEU A 11 -11.73 20.35 -21.88
N GLU A 12 -12.80 20.97 -21.38
CA GLU A 12 -14.07 20.34 -21.39
C GLU A 12 -14.52 20.08 -22.84
N ALA A 13 -14.37 21.08 -23.73
CA ALA A 13 -14.82 20.91 -25.13
C ALA A 13 -13.99 19.89 -25.89
N HIS A 14 -12.67 20.00 -25.78
CA HIS A 14 -11.77 19.10 -26.49
C HIS A 14 -11.93 17.64 -26.03
N ASN A 15 -12.36 17.39 -24.79
CA ASN A 15 -12.37 16.04 -24.23
C ASN A 15 -13.77 15.48 -24.00
N GLN A 16 -14.78 16.28 -24.35
CA GLN A 16 -16.17 15.93 -24.12
C GLN A 16 -16.47 15.57 -22.65
N ALA A 17 -15.93 16.40 -21.77
CA ALA A 17 -15.87 16.09 -20.35
C ALA A 17 -16.48 17.22 -19.53
N LYS A 18 -16.92 16.90 -18.31
CA LYS A 18 -17.42 17.87 -17.35
C LYS A 18 -16.37 17.91 -16.20
N ILE A 19 -15.83 19.09 -15.89
CA ILE A 19 -14.77 19.27 -14.91
C ILE A 19 -15.22 20.25 -13.81
N GLY A 20 -15.10 19.85 -12.55
CA GLY A 20 -15.30 20.77 -11.42
C GLY A 20 -14.02 20.89 -10.61
N VAL A 21 -13.64 22.06 -10.19
CA VAL A 21 -12.38 22.39 -9.54
C VAL A 21 -12.54 23.41 -8.43
N ALA A 22 -11.88 23.19 -7.36
CA ALA A 22 -11.76 24.23 -6.37
C ALA A 22 -10.39 24.18 -5.71
N LEU A 23 -9.71 25.33 -5.71
CA LEU A 23 -8.46 25.57 -5.00
C LEU A 23 -8.80 26.48 -3.83
N VAL A 24 -8.53 26.01 -2.61
CA VAL A 24 -8.81 26.77 -1.37
C VAL A 24 -7.53 26.86 -0.54
N SER A 25 -7.46 27.95 0.23
CA SER A 25 -6.38 28.26 1.12
C SER A 25 -6.48 27.40 2.37
N GLU A 26 -5.47 27.51 3.20
CA GLU A 26 -5.42 26.77 4.44
C GLU A 26 -6.63 27.01 5.28
N ASN A 27 -7.17 28.22 5.29
CA ASN A 27 -8.38 28.49 6.09
C ASN A 27 -9.69 28.29 5.33
N GLY A 28 -9.61 27.73 4.14
CA GLY A 28 -10.79 27.27 3.46
C GLY A 28 -11.37 28.26 2.49
N ASN A 29 -10.70 29.37 2.27
CA ASN A 29 -11.22 30.38 1.35
C ASN A 29 -10.98 29.96 -0.07
N LEU A 30 -11.95 30.21 -0.94
CA LEU A 30 -11.84 29.89 -2.34
C LEU A 30 -10.87 30.83 -3.04
N ILE A 31 -9.88 30.29 -3.72
CA ILE A 31 -8.89 31.06 -4.46
C ILE A 31 -9.23 31.06 -5.95
N GLN A 32 -9.59 29.89 -6.45
CA GLN A 32 -9.97 29.74 -7.84
C GLN A 32 -10.88 28.54 -7.99
N GLY A 33 -11.85 28.64 -8.88
CA GLY A 33 -12.75 27.51 -9.07
C GLY A 33 -13.43 27.51 -10.42
N TYR A 34 -14.05 26.38 -10.74
CA TYR A 34 -14.78 26.19 -12.02
C TYR A 34 -15.83 25.12 -11.73
N ARG A 35 -17.12 25.42 -11.90
CA ARG A 35 -18.21 24.60 -11.37
C ARG A 35 -18.02 24.22 -9.89
N ALA A 36 -17.63 25.18 -9.06
CA ALA A 36 -17.08 24.83 -7.75
C ALA A 36 -18.23 24.41 -6.81
N ASN A 37 -19.45 24.84 -7.11
CA ASN A 37 -20.61 24.59 -6.27
C ASN A 37 -21.59 23.61 -6.94
N GLU A 38 -21.13 22.87 -7.93
CA GLU A 38 -21.97 21.91 -8.65
C GLU A 38 -21.72 20.51 -8.05
N ARG A 39 -22.75 19.67 -8.03
CA ARG A 39 -22.67 18.33 -7.47
C ARG A 39 -22.00 17.30 -8.38
N PHE A 40 -21.09 16.53 -7.78
CA PHE A 40 -20.41 15.39 -8.39
C PHE A 40 -20.44 14.26 -7.38
N ALA A 41 -20.43 13.03 -7.85
CA ALA A 41 -20.35 11.85 -7.00
C ALA A 41 -19.00 11.75 -6.32
N MET A 42 -18.94 11.40 -5.02
CA MET A 42 -17.64 11.32 -4.35
C MET A 42 -16.77 10.14 -4.89
N CYS A 43 -17.45 9.02 -5.06
CA CYS A 43 -16.86 7.71 -5.29
C CYS A 43 -15.79 7.49 -4.22
N SER A 44 -14.58 7.00 -4.51
CA SER A 44 -13.63 6.66 -3.40
C SER A 44 -13.16 7.84 -2.58
N THR A 45 -13.39 9.07 -3.09
CA THR A 45 -12.91 10.23 -2.35
C THR A 45 -13.58 10.33 -0.96
N PHE A 46 -14.77 9.72 -0.77
CA PHE A 46 -15.42 9.72 0.56
C PHE A 46 -14.58 9.04 1.61
N LYS A 47 -13.65 8.18 1.21
CA LYS A 47 -12.79 7.46 2.17
C LYS A 47 -11.91 8.36 3.07
N LEU A 48 -11.58 9.56 2.59
CA LEU A 48 -10.76 10.53 3.34
C LEU A 48 -11.56 11.01 4.55
N PRO A 49 -12.73 11.60 4.32
CA PRO A 49 -13.45 11.97 5.58
C PRO A 49 -13.92 10.79 6.45
N LEU A 50 -14.20 9.63 5.84
CA LEU A 50 -14.47 8.40 6.60
C LEU A 50 -13.30 8.11 7.56
N ALA A 51 -12.05 8.15 7.05
CA ALA A 51 -10.90 7.91 7.92
C ALA A 51 -10.81 8.91 9.07
N ALA A 52 -11.06 10.17 8.76
CA ALA A 52 -11.00 11.23 9.77
C ALA A 52 -12.04 10.99 10.89
N LEU A 53 -13.23 10.56 10.50
CA LEU A 53 -14.29 10.20 11.47
C LEU A 53 -13.81 9.10 12.37
N VAL A 54 -13.25 8.04 11.80
CA VAL A 54 -12.71 7.00 12.64
C VAL A 54 -11.64 7.54 13.62
N LEU A 55 -10.74 8.40 13.15
CA LEU A 55 -9.68 8.89 13.97
C LEU A 55 -10.20 9.80 15.09
N SER A 56 -11.27 10.52 14.80
CA SER A 56 -11.81 11.43 15.78
C SER A 56 -12.56 10.61 16.89
N ARG A 57 -13.06 9.43 16.52
CA ARG A 57 -13.61 8.49 17.50
C ARG A 57 -12.51 7.92 18.37
N ILE A 58 -11.37 7.62 17.76
CA ILE A 58 -10.18 7.24 18.52
C ILE A 58 -9.75 8.39 19.46
N ASP A 59 -9.73 9.62 18.97
CA ASP A 59 -9.32 10.77 19.80
C ASP A 59 -10.25 10.87 21.05
N ALA A 60 -11.53 10.58 20.84
CA ALA A 60 -12.55 10.65 21.90
C ALA A 60 -12.55 9.44 22.88
N GLY A 61 -11.64 8.50 22.70
CA GLY A 61 -11.70 7.27 23.50
C GLY A 61 -12.91 6.40 23.19
N GLU A 62 -13.64 6.64 22.09
CA GLU A 62 -14.72 5.73 21.67
C GLU A 62 -14.26 4.54 20.80
N GLU A 63 -12.97 4.46 20.46
CA GLU A 63 -12.46 3.38 19.56
C GLU A 63 -11.00 3.17 19.79
N ASN A 64 -10.55 1.95 19.61
CA ASN A 64 -9.18 1.56 19.81
C ASN A 64 -8.54 1.23 18.43
N PRO A 65 -7.38 1.83 18.12
CA PRO A 65 -6.74 1.56 16.82
C PRO A 65 -6.37 0.10 16.57
N GLU A 66 -6.19 -0.68 17.63
CA GLU A 66 -5.84 -2.08 17.45
C GLU A 66 -7.01 -3.01 17.61
N ARG A 67 -8.22 -2.49 17.71
CA ARG A 67 -9.39 -3.37 17.75
C ARG A 67 -9.51 -4.18 16.48
N LYS A 68 -9.84 -5.46 16.65
CA LYS A 68 -10.00 -6.34 15.52
C LYS A 68 -11.37 -6.21 14.89
N LEU A 69 -11.42 -5.92 13.59
CA LEU A 69 -12.67 -5.93 12.84
C LEU A 69 -12.86 -7.22 12.03
N HIS A 70 -13.79 -8.06 12.52
CA HIS A 70 -13.99 -9.37 11.94
C HIS A 70 -14.83 -9.40 10.71
N TYR A 71 -14.51 -10.29 9.78
CA TYR A 71 -15.27 -10.46 8.58
C TYR A 71 -14.97 -11.79 7.97
N ASP A 72 -15.83 -12.19 7.04
CA ASP A 72 -15.65 -13.43 6.30
C ASP A 72 -15.70 -13.15 4.81
N SER A 73 -15.57 -14.20 4.01
CA SER A 73 -15.52 -14.07 2.57
C SER A 73 -16.71 -13.40 1.95
N ALA A 74 -17.86 -13.54 2.61
CA ALA A 74 -19.08 -12.95 2.10
C ALA A 74 -19.03 -11.42 2.16
N PHE A 75 -18.21 -10.89 3.06
CA PHE A 75 -17.98 -9.43 3.13
C PHE A 75 -17.09 -8.83 2.03
N LEU A 76 -16.41 -9.67 1.27
CA LEU A 76 -15.48 -9.18 0.27
C LEU A 76 -16.18 -8.49 -0.90
N GLU A 77 -15.43 -7.63 -1.59
CA GLU A 77 -15.88 -6.92 -2.77
C GLU A 77 -14.95 -7.18 -3.92
N GLU A 78 -15.38 -6.84 -5.13
CA GLU A 78 -14.54 -6.96 -6.32
C GLU A 78 -13.17 -6.26 -6.15
N TYR A 79 -13.20 -5.04 -5.62
CA TYR A 79 -11.94 -4.34 -5.37
CA TYR A 79 -12.01 -4.23 -5.37
C TYR A 79 -11.66 -4.25 -3.89
N ALA A 80 -10.94 -5.27 -3.40
CA ALA A 80 -10.60 -5.35 -2.01
C ALA A 80 -9.27 -6.09 -1.84
N PRO A 81 -8.17 -5.47 -2.32
CA PRO A 81 -6.92 -6.26 -2.41
C PRO A 81 -6.34 -6.58 -1.05
N ALA A 82 -6.45 -5.67 -0.06
CA ALA A 82 -5.94 -5.98 1.29
C ALA A 82 -6.87 -6.92 2.03
N ALA A 83 -8.17 -6.67 1.97
CA ALA A 83 -9.10 -7.60 2.62
C ALA A 83 -9.00 -9.05 2.07
N LYS A 84 -8.78 -9.24 0.77
CA LYS A 84 -8.56 -10.57 0.22
C LYS A 84 -7.34 -11.25 0.81
N ARG A 85 -6.27 -10.48 1.07
CA ARG A 85 -5.05 -10.98 1.72
C ARG A 85 -5.26 -11.42 3.20
N TYR A 86 -6.07 -10.71 3.97
CA TYR A 86 -6.19 -10.95 5.41
C TYR A 86 -7.38 -11.86 5.78
N VAL A 87 -8.17 -12.23 4.80
CA VAL A 87 -9.48 -12.89 5.08
C VAL A 87 -9.32 -14.21 5.84
N ALA A 88 -8.27 -14.97 5.53
CA ALA A 88 -8.05 -16.23 6.28
C ALA A 88 -7.78 -16.05 7.76
N THR A 89 -7.29 -14.89 8.17
CA THR A 89 -7.08 -14.62 9.58
C THR A 89 -8.42 -14.22 10.27
N GLY A 90 -9.43 -13.88 9.48
CA GLY A 90 -10.74 -13.44 9.98
C GLY A 90 -10.94 -11.98 10.38
N TYR A 91 -9.94 -11.11 10.22
CA TYR A 91 -10.05 -9.74 10.68
C TYR A 91 -8.95 -8.81 10.10
N MET A 92 -9.16 -7.51 10.25
CA MET A 92 -8.20 -6.43 10.02
C MET A 92 -8.38 -5.53 11.21
N THR A 93 -7.31 -4.98 11.75
CA THR A 93 -7.45 -4.01 12.80
C THR A 93 -8.06 -2.73 12.20
N VAL A 94 -8.52 -1.85 13.09
CA VAL A 94 -8.97 -0.53 12.73
C VAL A 94 -7.86 0.18 11.95
N THR A 95 -6.64 0.14 12.52
CA THR A 95 -5.48 0.75 11.86
C THR A 95 -5.21 0.18 10.44
N GLU A 96 -5.29 -1.14 10.28
CA GLU A 96 -5.00 -1.76 8.98
C GLU A 96 -6.10 -1.35 8.00
N ALA A 97 -7.32 -1.25 8.51
CA ALA A 97 -8.44 -0.90 7.69
C ALA A 97 -8.33 0.56 7.20
N ILE A 98 -7.96 1.45 8.10
CA ILE A 98 -7.75 2.83 7.73
C ILE A 98 -6.67 2.96 6.61
N GLN A 99 -5.50 2.33 6.82
N GLN A 99 -5.51 2.33 6.79
CA GLN A 99 -4.42 2.33 5.81
CA GLN A 99 -4.44 2.43 5.79
C GLN A 99 -4.89 1.84 4.44
C GLN A 99 -4.79 1.77 4.42
N SER A 100 -5.52 0.68 4.45
CA SER A 100 -5.99 0.00 3.23
C SER A 100 -7.04 0.79 2.45
N ALA A 101 -8.07 1.28 3.17
CA ALA A 101 -9.10 2.14 2.60
C ALA A 101 -8.45 3.38 1.95
N LEU A 102 -7.48 4.02 2.62
CA LEU A 102 -6.92 5.24 2.06
C LEU A 102 -5.92 4.99 0.95
N GLN A 103 -4.94 4.11 1.18
CA GLN A 103 -3.80 3.99 0.27
C GLN A 103 -4.03 3.04 -0.89
N LEU A 104 -4.90 2.05 -0.69
CA LEU A 104 -5.23 1.09 -1.74
C LEU A 104 -6.71 1.22 -2.28
N SER A 105 -7.52 2.06 -1.64
CA SER A 105 -8.93 2.24 -1.98
C SER A 105 -9.74 0.95 -1.76
N ASP A 106 -9.32 0.14 -0.79
CA ASP A 106 -9.95 -1.13 -0.54
C ASP A 106 -11.43 -0.93 -0.09
N ASN A 107 -12.36 -1.50 -0.83
CA ASN A 107 -13.79 -1.38 -0.56
C ASN A 107 -14.30 -2.18 0.61
N ALA A 108 -13.72 -3.34 0.89
CA ALA A 108 -14.10 -4.08 2.10
C ALA A 108 -13.63 -3.41 3.34
N ALA A 109 -12.41 -2.83 3.34
CA ALA A 109 -11.95 -2.06 4.47
C ALA A 109 -12.86 -0.85 4.74
N ALA A 110 -13.24 -0.17 3.67
CA ALA A 110 -14.10 0.98 3.75
C ALA A 110 -15.46 0.55 4.39
N ASN A 111 -15.99 -0.59 3.97
CA ASN A 111 -17.25 -1.06 4.53
C ASN A 111 -17.11 -1.43 5.99
N LEU A 112 -15.99 -2.01 6.36
CA LEU A 112 -15.73 -2.24 7.78
C LEU A 112 -15.73 -0.98 8.61
N LEU A 113 -15.10 0.08 8.12
CA LEU A 113 -15.09 1.34 8.81
C LEU A 113 -16.48 2.01 8.85
N LEU A 114 -17.26 1.89 7.77
CA LEU A 114 -18.65 2.41 7.79
C LEU A 114 -19.49 1.78 8.89
N LYS A 115 -19.30 0.48 9.03
CA LYS A 115 -19.95 -0.28 10.08
C LYS A 115 -19.53 0.24 11.46
N GLU A 116 -18.23 0.42 11.67
CA GLU A 116 -17.70 0.91 12.93
C GLU A 116 -18.24 2.28 13.31
N VAL A 117 -18.41 3.18 12.34
CA VAL A 117 -18.80 4.54 12.66
C VAL A 117 -20.35 4.73 12.77
N GLY A 118 -21.10 3.72 12.38
CA GLY A 118 -22.58 3.81 12.37
C GLY A 118 -23.20 4.04 11.01
N GLY A 119 -22.43 3.95 9.92
CA GLY A 119 -23.01 3.93 8.57
C GLY A 119 -23.07 5.31 7.91
N PRO A 120 -23.60 5.35 6.69
CA PRO A 120 -23.70 6.58 5.92
C PRO A 120 -24.35 7.75 6.64
N PRO A 121 -25.44 7.53 7.43
CA PRO A 121 -25.96 8.67 8.12
C PRO A 121 -25.04 9.33 9.09
N LEU A 122 -24.20 8.56 9.77
CA LEU A 122 -23.29 9.12 10.74
C LEU A 122 -22.09 9.81 10.06
N LEU A 123 -21.67 9.33 8.89
CA LEU A 123 -20.71 10.14 8.07
C LEU A 123 -21.34 11.48 7.67
N THR A 124 -22.60 11.45 7.27
CA THR A 124 -23.28 12.67 6.88
C THR A 124 -23.35 13.64 8.09
N LYS A 125 -23.66 13.10 9.28
CA LYS A 125 -23.67 13.91 10.51
C LYS A 125 -22.30 14.51 10.79
N TYR A 126 -21.24 13.75 10.54
CA TYR A 126 -19.86 14.28 10.66
C TYR A 126 -19.61 15.45 9.76
N PHE A 127 -19.95 15.31 8.47
CA PHE A 127 -19.81 16.44 7.54
C PHE A 127 -20.50 17.70 8.13
N ARG A 128 -21.74 17.53 8.57
CA ARG A 128 -22.50 18.68 9.15
C ARG A 128 -21.82 19.26 10.35
N SER A 129 -21.27 18.42 11.20
CA SER A 129 -20.51 18.90 12.37
C SER A 129 -19.28 19.73 11.99
N LEU A 130 -18.74 19.52 10.78
CA LEU A 130 -17.61 20.29 10.32
C LEU A 130 -18.04 21.56 9.60
N GLY A 131 -19.35 21.78 9.49
CA GLY A 131 -19.87 22.92 8.77
C GLY A 131 -20.00 22.70 7.27
N ASP A 132 -19.92 21.45 6.84
CA ASP A 132 -20.17 21.07 5.44
C ASP A 132 -21.67 20.70 5.32
N LYS A 133 -22.43 21.55 4.65
CA LYS A 133 -23.87 21.44 4.61
C LYS A 133 -24.29 20.77 3.31
N VAL A 134 -23.34 20.29 2.53
CA VAL A 134 -23.62 19.78 1.21
C VAL A 134 -23.25 18.31 1.10
N SER A 135 -22.03 17.95 1.48
CA SER A 135 -21.56 16.56 1.21
C SER A 135 -22.44 15.57 1.97
N ARG A 136 -22.67 14.41 1.39
CA ARG A 136 -23.47 13.38 2.05
C ARG A 136 -23.18 11.98 1.51
N LEU A 137 -23.37 10.97 2.37
CA LEU A 137 -23.27 9.57 2.01
C LEU A 137 -24.63 8.91 2.32
N ASP A 138 -25.09 8.09 1.39
CA ASP A 138 -26.38 7.40 1.49
C ASP A 138 -26.22 5.89 1.32
N ARG A 139 -25.33 5.46 0.44
CA ARG A 139 -25.10 4.08 0.24
C ARG A 139 -23.66 3.62 0.70
N ILE A 140 -23.42 2.32 0.67
CA ILE A 140 -22.08 1.80 0.99
C ILE A 140 -21.50 1.18 -0.27
N GLU A 141 -20.29 0.58 -0.18
CA GLU A 141 -19.69 0.04 -1.42
C GLU A 141 -20.41 -1.22 -1.85
N PRO A 142 -20.60 -1.41 -3.16
CA PRO A 142 -20.02 -0.57 -4.23
C PRO A 142 -21.07 0.31 -4.90
N THR A 143 -22.32 0.24 -4.42
CA THR A 143 -23.41 0.99 -5.05
C THR A 143 -23.30 2.51 -4.95
N LEU A 144 -22.52 3.03 -3.99
CA LEU A 144 -22.31 4.48 -3.90
C LEU A 144 -21.65 5.13 -5.11
N ASN A 145 -21.12 4.31 -6.06
CA ASN A 145 -20.35 4.78 -7.22
C ASN A 145 -21.15 4.86 -8.51
N THR A 146 -22.48 4.72 -8.42
CA THR A 146 -23.28 4.65 -9.66
C THR A 146 -23.23 5.91 -10.50
N ASN A 147 -23.09 7.08 -9.87
CA ASN A 147 -22.87 8.32 -10.62
C ASN A 147 -23.91 8.55 -11.78
N THR A 148 -25.19 8.39 -11.41
CA THR A 148 -26.33 8.63 -12.30
C THR A 148 -26.58 10.09 -12.41
N PRO A 149 -26.75 10.61 -13.63
CA PRO A 149 -26.90 12.05 -13.77
C PRO A 149 -28.14 12.59 -13.05
N GLY A 150 -27.96 13.64 -12.24
CA GLY A 150 -29.03 14.24 -11.47
C GLY A 150 -29.21 13.68 -10.06
N ASP A 151 -28.64 12.51 -9.82
CA ASP A 151 -28.79 11.84 -8.54
C ASP A 151 -27.97 12.61 -7.49
N GLU A 152 -28.59 12.97 -6.36
CA GLU A 152 -27.91 13.67 -5.27
C GLU A 152 -27.30 12.76 -4.19
N ARG A 153 -27.64 11.45 -4.23
CA ARG A 153 -27.13 10.52 -3.23
C ARG A 153 -25.56 10.43 -3.39
N ASP A 154 -24.85 10.43 -2.28
CA ASP A 154 -23.37 10.16 -2.30
C ASP A 154 -22.59 11.21 -3.11
N THR A 155 -23.00 12.46 -3.00
CA THR A 155 -22.35 13.59 -3.72
C THR A 155 -21.70 14.60 -2.80
N THR A 156 -20.80 15.38 -3.40
CA THR A 156 -20.20 16.54 -2.81
C THR A 156 -20.17 17.63 -3.85
N THR A 157 -19.53 18.75 -3.53
CA THR A 157 -19.13 19.69 -4.57
C THR A 157 -17.62 19.89 -4.44
N PRO A 158 -16.98 20.35 -5.51
CA PRO A 158 -15.54 20.60 -5.43
C PRO A 158 -15.21 21.54 -4.26
N MET A 159 -15.97 22.62 -4.10
CA MET A 159 -15.67 23.56 -3.02
C MET A 159 -15.90 22.96 -1.63
N SER A 160 -17.04 22.30 -1.45
CA SER A 160 -17.38 21.68 -0.14
C SER A 160 -16.36 20.64 0.28
N MET A 161 -15.95 19.76 -0.62
CA MET A 161 -14.88 18.78 -0.30
C MET A 161 -13.55 19.44 -0.03
N ALA A 162 -13.17 20.42 -0.84
CA ALA A 162 -11.92 21.14 -0.61
C ALA A 162 -11.90 21.80 0.76
N GLN A 163 -13.00 22.43 1.12
CA GLN A 163 -13.13 23.10 2.41
C GLN A 163 -13.10 22.11 3.57
N THR A 164 -13.86 21.04 3.42
CA THR A 164 -13.85 19.97 4.42
C THR A 164 -12.45 19.36 4.65
N VAL A 165 -11.74 19.04 3.58
CA VAL A 165 -10.42 18.49 3.68
C VAL A 165 -9.44 19.51 4.28
N SER A 166 -9.56 20.78 3.93
CA SER A 166 -8.70 21.83 4.51
C SER A 166 -8.86 21.88 6.06
N LYS A 167 -10.10 21.74 6.50
CA LYS A 167 -10.44 21.67 7.93
C LYS A 167 -9.83 20.49 8.62
N LEU A 168 -9.89 19.30 8.02
CA LEU A 168 -9.34 18.06 8.60
C LEU A 168 -7.82 18.04 8.63
N ILE A 169 -7.20 18.55 7.57
CA ILE A 169 -5.74 18.47 7.42
C ILE A 169 -5.02 19.63 8.14
N PHE A 170 -5.60 20.81 8.11
CA PHE A 170 -4.90 22.02 8.59
C PHE A 170 -5.58 22.63 9.80
N GLY A 171 -6.84 22.28 10.05
CA GLY A 171 -7.59 22.84 11.19
C GLY A 171 -7.37 21.97 12.40
N ASP A 172 -8.20 22.13 13.44
CA ASP A 172 -7.95 21.46 14.72
C ASP A 172 -9.10 20.57 15.21
N THR A 173 -9.97 20.13 14.29
CA THR A 173 -10.94 19.03 14.52
C THR A 173 -10.27 17.76 15.11
N LEU A 174 -9.13 17.41 14.53
CA LEU A 174 -8.37 16.26 14.96
C LEU A 174 -7.24 16.68 15.88
N THR A 175 -6.84 15.78 16.78
CA THR A 175 -5.65 15.97 17.58
C THR A 175 -4.40 16.01 16.68
N TYR A 176 -3.33 16.61 17.19
CA TYR A 176 -2.10 16.72 16.41
C TYR A 176 -1.61 15.34 15.94
N LYS A 177 -1.70 14.37 16.85
CA LYS A 177 -1.40 12.97 16.56
C LYS A 177 -2.22 12.44 15.37
N SER A 178 -3.53 12.57 15.47
CA SER A 178 -4.44 11.98 14.45
C SER A 178 -4.26 12.68 13.09
N LYS A 179 -4.21 13.99 13.13
CA LYS A 179 -3.95 14.84 11.98
C LYS A 179 -2.66 14.45 11.23
N GLY A 180 -1.58 14.22 11.99
CA GLY A 180 -0.28 13.77 11.44
C GLY A 180 -0.36 12.38 10.81
N GLN A 181 -1.08 11.48 11.46
CA GLN A 181 -1.31 10.15 10.90
C GLN A 181 -2.05 10.24 9.58
N LEU A 182 -3.07 11.07 9.55
CA LEU A 182 -3.93 11.20 8.35
C LEU A 182 -3.08 11.81 7.24
N ARG A 183 -2.34 12.84 7.57
CA ARG A 183 -1.47 13.44 6.55
C ARG A 183 -0.47 12.48 5.95
N ARG A 184 0.24 11.74 6.79
CA ARG A 184 1.24 10.83 6.32
C ARG A 184 0.62 9.67 5.50
N LEU A 185 -0.55 9.18 5.88
CA LEU A 185 -1.20 8.13 5.10
C LEU A 185 -1.55 8.67 3.73
N LEU A 186 -2.09 9.89 3.67
CA LEU A 186 -2.41 10.47 2.37
C LEU A 186 -1.17 10.75 1.46
N ILE A 187 -0.06 11.22 2.03
CA ILE A 187 1.17 11.41 1.30
C ILE A 187 1.60 10.08 0.66
N GLY A 188 1.42 8.99 1.41
CA GLY A 188 1.76 7.68 0.94
C GLY A 188 0.72 6.96 0.11
N ASN A 189 -0.35 7.65 -0.29
CA ASN A 189 -1.31 7.10 -1.19
C ASN A 189 -0.67 6.49 -2.42
N GLN A 190 -1.10 5.30 -2.77
CA GLN A 190 -0.48 4.54 -3.83
C GLN A 190 -1.16 4.70 -5.19
N THR A 191 -2.27 5.41 -5.25
CA THR A 191 -3.12 5.43 -6.44
C THR A 191 -3.13 6.79 -7.14
N GLY A 192 -2.39 7.78 -6.62
CA GLY A 192 -2.49 9.19 -7.08
C GLY A 192 -1.30 9.77 -7.81
N ASP A 193 -0.38 8.90 -8.25
CA ASP A 193 0.89 9.35 -8.82
C ASP A 193 0.72 10.04 -10.16
N LYS A 194 -0.32 9.68 -10.92
CA LYS A 194 -0.57 10.25 -12.24
C LYS A 194 -1.67 11.31 -12.29
N THR A 195 -2.28 11.62 -11.14
CA THR A 195 -3.37 12.59 -11.06
C THR A 195 -2.89 13.98 -10.58
N ILE A 196 -3.51 14.59 -9.56
CA ILE A 196 -3.15 15.93 -9.18
C ILE A 196 -1.64 16.05 -8.96
N ARG A 197 -1.02 15.12 -8.23
CA ARG A 197 0.40 15.21 -7.94
C ARG A 197 1.26 15.34 -9.18
N ALA A 198 0.84 14.71 -10.27
CA ALA A 198 1.60 14.81 -11.51
C ALA A 198 1.62 16.21 -12.12
N GLY A 199 0.70 17.10 -11.70
CA GLY A 199 0.65 18.48 -12.18
C GLY A 199 1.31 19.47 -11.28
N LEU A 200 1.88 19.01 -10.16
CA LEU A 200 2.47 19.93 -9.18
C LEU A 200 3.98 19.69 -9.13
N PRO A 201 4.78 20.70 -8.73
CA PRO A 201 6.21 20.48 -8.59
C PRO A 201 6.51 19.32 -7.60
N ASP A 202 7.45 18.44 -7.98
CA ASP A 202 7.90 17.35 -7.12
C ASP A 202 8.51 17.82 -5.79
N SER A 203 8.97 19.06 -5.72
CA SER A 203 9.45 19.61 -4.45
C SER A 203 8.36 19.96 -3.42
N TRP A 204 7.08 19.96 -3.81
CA TRP A 204 6.00 20.25 -2.85
C TRP A 204 5.55 19.00 -2.08
N VAL A 205 5.22 19.11 -0.81
CA VAL A 205 4.63 17.97 -0.10
C VAL A 205 3.17 17.81 -0.56
N THR A 206 2.78 16.62 -1.01
CA THR A 206 1.44 16.37 -1.56
CA THR A 206 1.40 16.41 -1.48
C THR A 206 0.85 15.09 -0.96
N GLY A 207 -0.42 15.12 -0.49
CA GLY A 207 -1.14 13.89 -0.15
C GLY A 207 -2.52 13.94 -0.81
N ASP A 208 -3.13 12.80 -1.09
CA ASP A 208 -4.38 12.84 -1.88
C ASP A 208 -5.19 11.57 -1.72
N LYS A 209 -6.47 11.66 -2.14
CA LYS A 209 -7.34 10.50 -2.30
C LYS A 209 -8.07 10.60 -3.65
N THR A 210 -7.91 9.59 -4.46
CA THR A 210 -8.51 9.45 -5.76
C THR A 210 -9.84 8.69 -5.70
N GLY A 211 -10.61 8.77 -6.79
CA GLY A 211 -11.72 7.84 -7.00
C GLY A 211 -12.12 7.69 -8.47
N SER A 212 -12.72 6.56 -8.79
CA SER A 212 -13.34 6.35 -10.09
C SER A 212 -14.81 5.96 -9.85
N CYS A 213 -15.65 6.30 -10.82
CA CYS A 213 -17.07 6.07 -10.75
C CYS A 213 -17.50 5.47 -12.07
N ALA A 214 -18.71 4.91 -12.08
CA ALA A 214 -19.36 4.62 -13.37
C ALA A 214 -19.63 5.91 -14.14
N ASN A 215 -19.99 5.73 -15.41
CA ASN A 215 -20.26 6.85 -16.31
C ASN A 215 -19.06 7.73 -16.47
N GLY A 216 -17.88 7.12 -16.42
CA GLY A 216 -16.64 7.82 -16.69
C GLY A 216 -16.12 8.74 -15.60
N GLY A 217 -16.58 8.55 -14.36
CA GLY A 217 -16.13 9.44 -13.27
C GLY A 217 -14.67 9.20 -12.90
N ARG A 218 -13.92 10.29 -12.70
CA ARG A 218 -12.58 10.20 -12.24
CA ARG A 218 -12.55 10.20 -12.24
C ARG A 218 -12.23 11.46 -11.43
N ASN A 219 -11.90 11.24 -10.15
CA ASN A 219 -11.80 12.34 -9.15
C ASN A 219 -10.51 12.29 -8.35
N ASP A 220 -10.09 13.43 -7.81
CA ASP A 220 -8.93 13.51 -6.90
C ASP A 220 -9.10 14.70 -5.98
N VAL A 221 -8.80 14.52 -4.70
CA VAL A 221 -8.65 15.69 -3.83
C VAL A 221 -7.30 15.55 -3.07
N ALA A 222 -6.56 16.61 -3.09
CA ALA A 222 -5.17 16.65 -2.62
C ALA A 222 -4.98 17.87 -1.71
N PHE A 223 -4.13 17.73 -0.69
CA PHE A 223 -3.59 18.87 0.01
C PHE A 223 -2.16 18.98 -0.44
N PHE A 224 -1.62 20.19 -0.39
CA PHE A 224 -0.20 20.38 -0.69
C PHE A 224 0.38 21.55 0.08
N ILE A 225 1.68 21.44 0.30
CA ILE A 225 2.46 22.45 1.00
C ILE A 225 3.61 22.83 0.04
N THR A 226 3.68 24.10 -0.38
CA THR A 226 4.65 24.55 -1.35
C THR A 226 6.04 24.63 -0.70
N THR A 227 7.06 24.91 -1.51
CA THR A 227 8.41 25.16 -0.99
C THR A 227 8.50 26.40 -0.09
N ALA A 228 7.51 27.28 -0.17
CA ALA A 228 7.45 28.46 0.74
C ALA A 228 6.59 28.23 1.96
N GLY A 229 6.16 26.99 2.16
CA GLY A 229 5.36 26.60 3.32
C GLY A 229 3.90 26.98 3.24
N LYS A 230 3.41 27.38 2.08
CA LYS A 230 2.01 27.78 2.00
C LYS A 230 1.15 26.53 1.73
N LYS A 231 -0.03 26.51 2.36
CA LYS A 231 -0.84 25.32 2.49
C LYS A 231 -2.17 25.49 1.73
N TYR A 232 -2.51 24.48 0.90
CA TYR A 232 -3.68 24.57 0.03
C TYR A 232 -4.35 23.20 -0.04
N VAL A 233 -5.61 23.22 -0.42
CA VAL A 233 -6.32 22.00 -0.87
C VAL A 233 -6.86 22.25 -2.33
N LEU A 234 -6.74 21.23 -3.16
CA LEU A 234 -7.27 21.23 -4.53
C LEU A 234 -8.18 20.00 -4.77
N SER A 235 -9.44 20.26 -5.12
CA SER A 235 -10.34 19.20 -5.54
CA SER A 235 -10.41 19.25 -5.56
C SER A 235 -10.52 19.29 -7.06
N VAL A 236 -10.52 18.12 -7.70
CA VAL A 236 -10.79 17.99 -9.13
C VAL A 236 -11.71 16.80 -9.34
N TYR A 237 -12.93 17.08 -9.81
CA TYR A 237 -13.93 16.06 -10.05
C TYR A 237 -14.28 16.08 -11.54
N THR A 238 -14.25 14.92 -12.19
CA THR A 238 -14.43 14.85 -13.65
C THR A 238 -15.38 13.73 -14.05
N ASN A 239 -16.12 13.98 -15.13
CA ASN A 239 -16.93 12.92 -15.78
C ASN A 239 -16.46 12.98 -17.22
N ALA A 240 -15.73 11.97 -17.69
CA ALA A 240 -15.12 12.01 -19.04
C ALA A 240 -15.31 10.64 -19.69
N PRO A 241 -16.55 10.24 -19.91
CA PRO A 241 -16.85 8.91 -20.43
C PRO A 241 -16.22 8.62 -21.82
N GLU A 242 -15.89 9.65 -22.60
CA GLU A 242 -15.31 9.40 -23.93
C GLU A 242 -13.80 9.21 -23.97
N LEU A 243 -13.10 9.31 -22.82
CA LEU A 243 -11.65 9.16 -22.76
C LEU A 243 -11.28 7.77 -22.23
N GLN A 244 -10.07 7.30 -22.55
CA GLN A 244 -9.55 6.07 -21.91
C GLN A 244 -8.98 6.35 -20.52
N GLY A 245 -8.75 5.28 -19.75
CA GLY A 245 -8.32 5.37 -18.36
C GLY A 245 -7.17 6.31 -18.06
N GLU A 246 -6.01 6.03 -18.68
CA GLU A 246 -4.87 6.90 -18.51
C GLU A 246 -5.10 8.32 -18.95
N GLU A 247 -6.02 8.55 -19.89
CA GLU A 247 -6.26 9.88 -20.38
C GLU A 247 -7.08 10.63 -19.34
N ARG A 248 -7.90 9.91 -18.58
CA ARG A 248 -8.68 10.62 -17.51
C ARG A 248 -7.72 11.15 -16.44
N ALA A 249 -6.67 10.36 -16.14
CA ALA A 249 -5.65 10.77 -15.19
C ALA A 249 -4.88 11.95 -15.70
N LEU A 250 -4.45 11.90 -16.96
CA LEU A 250 -3.76 13.06 -17.57
C LEU A 250 -4.60 14.36 -17.58
N LEU A 251 -5.91 14.24 -17.77
CA LEU A 251 -6.80 15.38 -17.69
C LEU A 251 -6.78 16.06 -16.28
N ILE A 252 -6.85 15.24 -15.26
CA ILE A 252 -6.76 15.74 -13.89
C ILE A 252 -5.42 16.41 -13.66
N ALA A 253 -4.33 15.79 -14.09
CA ALA A 253 -3.01 16.37 -13.90
C ALA A 253 -2.90 17.72 -14.67
N SER A 254 -3.51 17.79 -15.85
CA SER A 254 -3.49 19.08 -16.65
C SER A 254 -4.27 20.20 -15.95
N VAL A 255 -5.41 19.81 -15.34
CA VAL A 255 -6.21 20.72 -14.53
C VAL A 255 -5.40 21.21 -13.31
N ALA A 256 -4.69 20.33 -12.62
CA ALA A 256 -3.86 20.71 -11.49
C ALA A 256 -2.74 21.67 -11.93
N LYS A 257 -2.15 21.40 -13.08
CA LYS A 257 -1.08 22.30 -13.53
C LYS A 257 -1.62 23.72 -13.85
N LEU A 258 -2.83 23.82 -14.33
CA LEU A 258 -3.51 25.13 -14.48
C LEU A 258 -3.79 25.84 -13.15
N ALA A 259 -4.46 25.12 -12.24
CA ALA A 259 -4.78 25.66 -10.89
C ALA A 259 -3.55 26.12 -10.13
N ARG A 260 -2.47 25.38 -10.33
CA ARG A 260 -1.24 25.65 -9.63
CA ARG A 260 -1.17 25.61 -9.71
C ARG A 260 -0.73 27.08 -9.91
N GLN A 261 -1.05 27.63 -11.07
CA GLN A 261 -0.64 29.00 -11.42
C GLN A 261 -1.25 30.07 -10.48
N TYR A 262 -2.32 29.72 -9.77
CA TYR A 262 -3.01 30.64 -8.84
C TYR A 262 -2.52 30.59 -7.39
N VAL A 263 -1.49 29.79 -7.17
CA VAL A 263 -0.68 29.77 -5.96
C VAL A 263 0.49 30.75 -6.10
N VAL A 264 0.65 31.58 -5.07
CA VAL A 264 1.68 32.61 -4.99
C VAL A 264 3.05 31.96 -4.76
N HIS A 265 3.88 31.91 -5.81
CA HIS A 265 5.17 31.15 -5.88
C HIS A 265 5.07 29.95 -6.83
N ASP B 3 6.48 -37.93 -9.76
CA ASP B 3 7.19 -37.43 -8.55
C ASP B 3 7.62 -35.97 -8.73
N PHE B 4 8.14 -35.36 -7.68
CA PHE B 4 8.46 -33.92 -7.63
C PHE B 4 9.66 -33.60 -8.51
N GLU B 5 10.71 -34.40 -8.37
CA GLU B 5 11.92 -34.15 -9.14
C GLU B 5 11.54 -34.11 -10.61
N HIS B 6 10.65 -34.99 -11.03
CA HIS B 6 10.21 -35.04 -12.43
C HIS B 6 9.30 -33.87 -12.87
N ALA B 7 8.42 -33.45 -11.96
CA ALA B 7 7.53 -32.32 -12.24
C ALA B 7 8.34 -31.01 -12.39
N ILE B 8 9.29 -30.79 -11.48
CA ILE B 8 10.09 -29.56 -11.49
C ILE B 8 11.06 -29.60 -12.70
N SER B 9 11.62 -30.79 -12.99
CA SER B 9 12.45 -30.99 -14.18
C SER B 9 11.70 -30.63 -15.45
N ASP B 10 10.46 -31.08 -15.56
CA ASP B 10 9.64 -30.74 -16.73
C ASP B 10 9.34 -29.24 -16.82
N LEU B 11 9.13 -28.61 -15.67
CA LEU B 11 8.87 -27.17 -15.67
C LEU B 11 10.11 -26.45 -16.16
N GLU B 12 11.28 -26.95 -15.77
CA GLU B 12 12.55 -26.34 -16.17
C GLU B 12 12.77 -26.44 -17.68
N ALA B 13 12.61 -27.65 -18.19
CA ALA B 13 12.80 -27.92 -19.63
C ALA B 13 11.88 -27.09 -20.51
N HIS B 14 10.58 -27.25 -20.28
CA HIS B 14 9.54 -26.64 -21.10
C HIS B 14 9.61 -25.10 -21.12
N ASN B 15 10.18 -24.49 -20.08
CA ASN B 15 10.28 -23.04 -19.95
C ASN B 15 11.71 -22.48 -19.95
N GLN B 16 12.69 -23.32 -20.25
CA GLN B 16 14.11 -22.95 -20.26
C GLN B 16 14.49 -22.17 -19.01
N ALA B 17 14.15 -22.76 -17.86
CA ALA B 17 14.23 -22.11 -16.59
C ALA B 17 15.06 -22.96 -15.59
N LYS B 18 15.68 -22.31 -14.62
CA LYS B 18 16.31 -22.97 -13.47
C LYS B 18 15.45 -22.67 -12.24
N ILE B 19 15.07 -23.73 -11.52
CA ILE B 19 14.16 -23.61 -10.37
C ILE B 19 14.79 -24.24 -9.13
N GLY B 20 14.77 -23.54 -8.01
CA GLY B 20 15.21 -24.10 -6.72
C GLY B 20 14.06 -23.98 -5.72
N VAL B 21 13.80 -25.01 -4.92
CA VAL B 21 12.64 -25.06 -4.04
C VAL B 21 13.00 -25.78 -2.74
N ALA B 22 12.52 -25.26 -1.63
CA ALA B 22 12.60 -25.93 -0.34
C ALA B 22 11.30 -25.69 0.47
N LEU B 23 10.64 -26.78 0.82
CA LEU B 23 9.51 -26.77 1.77
C LEU B 23 9.97 -27.30 3.11
N VAL B 24 9.83 -26.50 4.15
CA VAL B 24 10.35 -26.85 5.46
C VAL B 24 9.23 -26.72 6.49
N SER B 25 9.34 -27.51 7.54
CA SER B 25 8.34 -27.51 8.60
C SER B 25 8.62 -26.38 9.52
N GLU B 26 7.75 -26.23 10.51
CA GLU B 26 7.81 -25.16 11.52
C GLU B 26 9.18 -25.09 12.19
N ASN B 27 9.77 -26.25 12.39
CA ASN B 27 11.09 -26.37 13.00
C ASN B 27 12.28 -26.39 12.04
N GLY B 28 12.04 -26.15 10.76
CA GLY B 28 13.12 -26.03 9.81
C GLY B 28 13.56 -27.28 9.11
N ASN B 29 12.88 -28.42 9.31
CA ASN B 29 13.29 -29.64 8.63
C ASN B 29 12.80 -29.68 7.19
N LEU B 30 13.65 -30.17 6.29
CA LEU B 30 13.28 -30.27 4.89
C LEU B 30 12.24 -31.34 4.69
N ILE B 31 11.12 -30.99 4.06
CA ILE B 31 10.07 -31.92 3.75
C ILE B 31 10.17 -32.32 2.32
N GLN B 32 10.42 -31.35 1.45
CA GLN B 32 10.53 -31.60 0.02
C GLN B 32 11.43 -30.51 -0.57
N GLY B 33 12.32 -30.89 -1.47
CA GLY B 33 13.27 -29.90 -2.06
C GLY B 33 13.65 -30.22 -3.48
N TYR B 34 14.22 -29.24 -4.18
CA TYR B 34 14.80 -29.46 -5.54
C TYR B 34 15.81 -28.32 -5.78
N ARG B 35 17.08 -28.67 -6.00
CA ARG B 35 18.19 -27.76 -5.97
C ARG B 35 18.20 -27.03 -4.66
N ALA B 36 17.87 -27.74 -3.57
CA ALA B 36 17.60 -27.05 -2.29
C ALA B 36 18.82 -26.42 -1.70
N ASN B 37 20.01 -26.99 -2.00
CA ASN B 37 21.26 -26.50 -1.47
C ASN B 37 22.14 -25.80 -2.50
N GLU B 38 21.67 -25.64 -3.72
CA GLU B 38 22.30 -24.74 -4.72
C GLU B 38 22.19 -23.24 -4.38
N ARG B 39 23.24 -22.46 -4.68
CA ARG B 39 23.23 -21.00 -4.48
C ARG B 39 22.46 -20.29 -5.61
N PHE B 40 21.69 -19.28 -5.25
CA PHE B 40 21.02 -18.40 -6.20
C PHE B 40 21.29 -17.00 -5.73
N ALA B 41 21.09 -16.03 -6.59
CA ALA B 41 21.18 -14.65 -6.22
C ALA B 41 20.05 -14.27 -5.33
N MET B 42 20.36 -13.50 -4.31
CA MET B 42 19.39 -12.90 -3.41
C MET B 42 19.25 -11.38 -3.75
N CYS B 43 18.04 -10.94 -4.17
CA CYS B 43 17.80 -9.57 -4.55
C CYS B 43 16.97 -8.74 -3.59
N SER B 44 15.70 -9.07 -3.44
CA SER B 44 14.90 -8.37 -2.40
C SER B 44 14.42 -9.27 -1.29
N THR B 45 14.50 -10.59 -1.46
CA THR B 45 14.13 -11.47 -0.34
C THR B 45 14.89 -11.11 0.94
N PHE B 46 16.10 -10.52 0.82
CA PHE B 46 16.91 -10.05 1.98
C PHE B 46 16.15 -9.12 2.87
N LYS B 47 15.12 -8.47 2.33
CA LYS B 47 14.40 -7.51 3.08
C LYS B 47 13.61 -8.12 4.20
N LEU B 48 13.22 -9.40 4.07
CA LEU B 48 12.50 -10.05 5.15
C LEU B 48 13.39 -10.15 6.42
N PRO B 49 14.52 -10.80 6.32
CA PRO B 49 15.37 -10.82 7.55
C PRO B 49 15.90 -9.44 7.99
N LEU B 50 16.06 -8.52 7.03
CA LEU B 50 16.39 -7.13 7.39
C LEU B 50 15.34 -6.52 8.26
N ALA B 51 14.06 -6.68 7.91
CA ALA B 51 13.01 -6.13 8.75
C ALA B 51 13.02 -6.77 10.14
N ALA B 52 13.29 -8.07 10.16
CA ALA B 52 13.34 -8.80 11.43
C ALA B 52 14.47 -8.28 12.32
N LEU B 53 15.62 -7.97 11.69
CA LEU B 53 16.76 -7.35 12.42
C LEU B 53 16.37 -6.04 13.06
N VAL B 54 15.64 -5.20 12.30
CA VAL B 54 15.21 -3.94 12.86
C VAL B 54 14.25 -4.15 14.04
N LEU B 55 13.31 -5.06 13.87
CA LEU B 55 12.40 -5.38 14.95
C LEU B 55 13.17 -5.97 16.17
N SER B 56 14.20 -6.80 15.92
CA SER B 56 15.10 -7.25 17.01
C SER B 56 15.71 -6.06 17.75
N ARG B 57 16.18 -5.07 17.00
CA ARG B 57 16.77 -3.88 17.61
C ARG B 57 15.75 -3.10 18.43
N ILE B 58 14.50 -3.03 17.95
CA ILE B 58 13.40 -2.41 18.68
C ILE B 58 13.16 -3.20 19.99
N ASP B 59 13.12 -4.53 19.88
CA ASP B 59 13.00 -5.42 21.02
C ASP B 59 14.10 -5.13 22.08
N ALA B 60 15.33 -4.96 21.63
CA ALA B 60 16.46 -4.70 22.54
C ALA B 60 16.49 -3.26 23.10
N GLY B 61 15.54 -2.40 22.71
CA GLY B 61 15.57 -0.98 23.05
C GLY B 61 16.70 -0.20 22.41
N GLU B 62 17.19 -0.67 21.28
CA GLU B 62 18.20 0.07 20.58
C GLU B 62 17.60 0.94 19.44
N GLU B 63 16.28 0.89 19.26
CA GLU B 63 15.59 1.61 18.15
C GLU B 63 14.14 1.88 18.55
N ASN B 64 13.55 2.94 18.00
CA ASN B 64 12.19 3.37 18.29
C ASN B 64 11.40 3.30 16.97
N PRO B 65 10.22 2.67 17.00
CA PRO B 65 9.41 2.52 15.76
C PRO B 65 9.07 3.85 15.08
N GLU B 66 9.07 4.94 15.85
CA GLU B 66 8.62 6.23 15.35
C GLU B 66 9.75 7.19 15.08
N ARG B 67 10.99 6.73 15.24
CA ARG B 67 12.12 7.58 14.96
C ARG B 67 12.13 7.94 13.47
N LYS B 68 12.45 9.20 13.18
CA LYS B 68 12.44 9.67 11.82
C LYS B 68 13.75 9.35 11.17
N LEU B 69 13.70 8.62 10.07
CA LEU B 69 14.85 8.34 9.27
C LEU B 69 14.91 9.36 8.13
N HIS B 70 15.85 10.30 8.27
CA HIS B 70 15.96 11.43 7.37
C HIS B 70 16.67 11.04 6.12
N TYR B 71 16.22 11.56 4.99
CA TYR B 71 16.88 11.39 3.69
C TYR B 71 16.48 12.53 2.74
N ASP B 72 17.08 12.58 1.57
CA ASP B 72 16.85 13.65 0.62
C ASP B 72 16.84 12.99 -0.72
N SER B 73 16.60 13.75 -1.79
CA SER B 73 16.33 13.16 -3.08
C SER B 73 17.53 12.49 -3.69
N ALA B 74 18.73 12.75 -3.12
CA ALA B 74 19.92 12.05 -3.58
C ALA B 74 19.89 10.59 -3.18
N PHE B 75 19.15 10.29 -2.10
CA PHE B 75 19.02 8.93 -1.58
C PHE B 75 18.00 8.05 -2.34
N LEU B 76 17.27 8.64 -3.32
CA LEU B 76 16.25 7.88 -4.06
C LEU B 76 16.90 6.86 -4.96
N GLU B 77 16.12 5.82 -5.30
CA GLU B 77 16.55 4.70 -6.13
C GLU B 77 15.56 4.56 -7.25
N GLU B 78 15.88 3.82 -8.29
CA GLU B 78 14.97 3.76 -9.42
C GLU B 78 13.59 3.17 -9.04
N TYR B 79 13.57 2.12 -8.20
CA TYR B 79 12.33 1.51 -7.69
C TYR B 79 12.18 1.85 -6.21
N ALA B 80 11.41 2.91 -5.95
CA ALA B 80 11.28 3.48 -4.64
C ALA B 80 9.95 4.24 -4.57
N PRO B 81 8.85 3.52 -4.83
CA PRO B 81 7.53 4.19 -5.01
C PRO B 81 7.05 4.95 -3.80
N ALA B 82 7.26 4.40 -2.61
CA ALA B 82 6.87 5.13 -1.40
C ALA B 82 7.86 6.22 -1.04
N ALA B 83 9.15 5.95 -1.13
CA ALA B 83 10.19 6.97 -0.72
C ALA B 83 10.10 8.24 -1.57
N LYS B 84 9.74 8.05 -2.83
CA LYS B 84 9.45 9.18 -3.74
C LYS B 84 8.28 10.04 -3.29
N ARG B 85 7.24 9.42 -2.73
CA ARG B 85 6.10 10.17 -2.21
C ARG B 85 6.46 10.94 -0.94
N TYR B 86 7.35 10.40 -0.10
CA TYR B 86 7.64 11.03 1.17
C TYR B 86 8.82 12.01 1.13
N VAL B 87 9.58 11.99 0.06
CA VAL B 87 10.92 12.63 0.07
C VAL B 87 10.88 14.15 0.37
N ALA B 88 9.86 14.85 -0.08
CA ALA B 88 9.74 16.31 0.19
C ALA B 88 9.52 16.64 1.64
N THR B 89 9.05 15.65 2.42
CA THR B 89 8.94 15.81 3.86
C THR B 89 10.27 15.64 4.58
N GLY B 90 11.22 15.02 3.91
CA GLY B 90 12.56 14.80 4.45
C GLY B 90 12.81 13.55 5.30
N TYR B 91 11.78 12.73 5.50
CA TYR B 91 11.94 11.50 6.25
C TYR B 91 10.87 10.46 6.01
N MET B 92 11.20 9.23 6.39
CA MET B 92 10.20 8.22 6.74
C MET B 92 10.52 7.69 8.14
N THR B 93 9.50 7.35 8.90
CA THR B 93 9.70 6.67 10.20
C THR B 93 10.24 5.27 9.99
N VAL B 94 10.83 4.73 11.06
CA VAL B 94 11.24 3.33 11.03
C VAL B 94 10.10 2.42 10.58
N THR B 95 8.91 2.63 11.13
CA THR B 95 7.74 1.81 10.83
C THR B 95 7.30 1.93 9.37
N GLU B 96 7.23 3.16 8.86
CA GLU B 96 6.91 3.35 7.45
C GLU B 96 7.95 2.65 6.54
N ALA B 97 9.23 2.70 6.92
CA ALA B 97 10.27 2.12 6.08
C ALA B 97 10.17 0.61 6.07
N ILE B 98 9.90 0.02 7.23
CA ILE B 98 9.68 -1.42 7.32
C ILE B 98 8.50 -1.83 6.41
N GLN B 99 7.39 -1.13 6.54
CA GLN B 99 6.17 -1.54 5.81
C GLN B 99 6.40 -1.41 4.29
N SER B 100 7.06 -0.31 3.88
CA SER B 100 7.35 -0.08 2.43
C SER B 100 8.36 -1.05 1.84
N ALA B 101 9.42 -1.35 2.59
CA ALA B 101 10.38 -2.35 2.15
C ALA B 101 9.77 -3.70 2.04
N LEU B 102 8.90 -4.06 2.97
CA LEU B 102 8.34 -5.42 2.93
C LEU B 102 7.21 -5.51 1.91
N GLN B 103 6.25 -4.60 1.95
CA GLN B 103 5.02 -4.76 1.14
C GLN B 103 5.09 -4.24 -0.28
N LEU B 104 5.99 -3.29 -0.55
CA LEU B 104 6.16 -2.76 -1.93
C LEU B 104 7.56 -3.07 -2.45
N SER B 105 8.42 -3.63 -1.58
CA SER B 105 9.81 -3.86 -1.95
C SER B 105 10.55 -2.57 -2.32
N ASP B 106 10.22 -1.45 -1.65
CA ASP B 106 10.79 -0.15 -1.93
C ASP B 106 12.30 -0.20 -1.63
N ASN B 107 13.14 0.08 -2.61
CA ASN B 107 14.61 0.08 -2.38
C ASN B 107 15.23 1.16 -1.52
N ALA B 108 14.66 2.37 -1.56
CA ALA B 108 15.17 3.43 -0.71
C ALA B 108 14.80 3.15 0.73
N ALA B 109 13.60 2.59 0.97
CA ALA B 109 13.22 2.27 2.36
C ALA B 109 14.15 1.19 2.89
N ALA B 110 14.38 0.16 2.09
CA ALA B 110 15.30 -0.90 2.43
C ALA B 110 16.67 -0.30 2.77
N ASN B 111 17.16 0.69 2.00
CA ASN B 111 18.47 1.31 2.26
C ASN B 111 18.48 2.14 3.52
N LEU B 112 17.37 2.76 3.88
CA LEU B 112 17.24 3.48 5.14
C LEU B 112 17.42 2.50 6.29
N LEU B 113 16.83 1.33 6.15
CA LEU B 113 16.92 0.29 7.21
C LEU B 113 18.31 -0.35 7.26
N LEU B 114 18.90 -0.58 6.12
CA LEU B 114 20.29 -1.01 6.06
C LEU B 114 21.22 -0.07 6.80
N LYS B 115 21.08 1.25 6.58
CA LYS B 115 21.88 2.25 7.28
C LYS B 115 21.63 2.13 8.80
N GLU B 116 20.38 1.96 9.19
CA GLU B 116 20.03 1.83 10.59
C GLU B 116 20.69 0.67 11.33
N VAL B 117 20.86 -0.47 10.66
CA VAL B 117 21.32 -1.68 11.33
C VAL B 117 22.87 -1.82 11.27
N GLY B 118 23.54 -0.98 10.50
CA GLY B 118 25.01 -1.03 10.36
C GLY B 118 25.46 -1.55 9.02
N GLY B 119 24.55 -1.71 8.06
CA GLY B 119 24.93 -2.03 6.71
C GLY B 119 24.94 -3.53 6.47
N PRO B 120 25.27 -3.92 5.24
CA PRO B 120 25.32 -5.31 4.84
C PRO B 120 26.10 -6.24 5.77
N PRO B 121 27.25 -5.79 6.31
CA PRO B 121 27.98 -6.72 7.19
C PRO B 121 27.21 -7.14 8.46
N LEU B 122 26.47 -6.22 9.04
CA LEU B 122 25.65 -6.54 10.18
C LEU B 122 24.40 -7.38 9.83
N LEU B 123 23.88 -7.23 8.62
CA LEU B 123 22.83 -8.18 8.19
C LEU B 123 23.39 -9.59 8.06
N THR B 124 24.57 -9.72 7.46
CA THR B 124 25.25 -11.02 7.33
C THR B 124 25.51 -11.63 8.74
N LYS B 125 25.95 -10.81 9.67
CA LYS B 125 26.17 -11.29 11.05
C LYS B 125 24.87 -11.79 11.68
N TYR B 126 23.75 -11.10 11.42
CA TYR B 126 22.41 -11.60 11.83
C TYR B 126 22.06 -12.98 11.26
N PHE B 127 22.28 -13.18 9.98
CA PHE B 127 22.07 -14.49 9.40
C PHE B 127 22.87 -15.55 10.18
N ARG B 128 24.17 -15.29 10.39
CA ARG B 128 25.01 -16.31 11.05
C ARG B 128 24.45 -16.61 12.45
N SER B 129 24.04 -15.56 13.17
CA SER B 129 23.55 -15.67 14.54
C SER B 129 22.28 -16.51 14.63
N LEU B 130 21.49 -16.56 13.56
CA LEU B 130 20.29 -17.42 13.52
C LEU B 130 20.62 -18.84 13.08
N GLY B 131 21.90 -19.13 12.84
CA GLY B 131 22.27 -20.46 12.38
C GLY B 131 22.29 -20.63 10.87
N ASP B 132 22.20 -19.53 10.13
CA ASP B 132 22.30 -19.58 8.67
C ASP B 132 23.74 -19.34 8.25
N LYS B 133 24.39 -20.39 7.83
CA LYS B 133 25.81 -20.31 7.55
C LYS B 133 26.08 -19.96 6.09
N VAL B 134 25.06 -19.78 5.25
CA VAL B 134 25.26 -19.49 3.82
C VAL B 134 24.87 -18.06 3.38
N SER B 135 23.66 -17.65 3.70
CA SER B 135 23.15 -16.37 3.23
C SER B 135 24.08 -15.17 3.55
N ARG B 136 24.24 -14.29 2.57
CA ARG B 136 25.04 -13.06 2.75
C ARG B 136 24.56 -11.90 1.88
N LEU B 137 24.48 -10.72 2.48
CA LEU B 137 24.27 -9.48 1.76
C LEU B 137 25.59 -8.70 1.73
N ASP B 138 25.91 -8.13 0.56
CA ASP B 138 27.20 -7.46 0.27
C ASP B 138 27.12 -6.05 -0.37
N ARG B 139 26.12 -5.80 -1.23
CA ARG B 139 25.91 -4.49 -1.89
C ARG B 139 24.46 -4.03 -1.68
N ILE B 140 24.28 -2.73 -1.35
CA ILE B 140 22.95 -2.16 -1.04
C ILE B 140 22.11 -1.86 -2.29
N GLU B 152 29.85 -15.23 -5.22
CA GLU B 152 29.03 -15.61 -4.05
C GLU B 152 28.43 -14.43 -3.24
N ARG B 153 28.82 -13.21 -3.60
CA ARG B 153 28.19 -12.01 -3.04
C ARG B 153 26.67 -12.04 -3.25
N ASP B 154 25.92 -11.58 -2.23
CA ASP B 154 24.47 -11.51 -2.39
C ASP B 154 23.93 -12.82 -2.99
N THR B 155 24.19 -13.91 -2.27
CA THR B 155 23.56 -15.20 -2.55
C THR B 155 22.93 -15.85 -1.29
N THR B 156 22.07 -16.83 -1.52
CA THR B 156 21.44 -17.66 -0.47
C THR B 156 21.21 -19.01 -1.12
N THR B 157 20.56 -19.94 -0.40
CA THR B 157 20.08 -21.16 -1.01
C THR B 157 18.60 -21.30 -0.64
N PRO B 158 17.81 -22.04 -1.44
CA PRO B 158 16.37 -22.17 -1.08
C PRO B 158 16.19 -22.75 0.35
N MET B 159 17.01 -23.73 0.69
CA MET B 159 16.87 -24.32 2.05
C MET B 159 17.31 -23.38 3.14
N SER B 160 18.43 -22.69 2.96
CA SER B 160 18.87 -21.77 4.02
C SER B 160 17.90 -20.63 4.24
N MET B 161 17.40 -20.02 3.16
CA MET B 161 16.40 -18.98 3.29
C MET B 161 15.11 -19.49 3.93
N ALA B 162 14.62 -20.65 3.50
CA ALA B 162 13.40 -21.25 4.16
C ALA B 162 13.60 -21.52 5.66
N GLN B 163 14.76 -22.05 6.05
CA GLN B 163 15.08 -22.26 7.46
C GLN B 163 15.19 -20.97 8.23
N THR B 164 15.86 -19.95 7.66
CA THR B 164 15.97 -18.64 8.30
C THR B 164 14.61 -18.00 8.51
N VAL B 165 13.77 -18.08 7.50
CA VAL B 165 12.45 -17.49 7.61
C VAL B 165 11.58 -18.28 8.61
N SER B 166 11.70 -19.62 8.63
CA SER B 166 10.95 -20.42 9.62
CA SER B 166 10.93 -20.41 9.61
C SER B 166 11.30 -20.00 11.02
N LYS B 167 12.58 -19.76 11.26
CA LYS B 167 13.05 -19.33 12.57
C LYS B 167 12.46 -17.98 13.03
N LEU B 168 12.37 -17.02 12.10
CA LEU B 168 11.88 -15.66 12.44
C LEU B 168 10.41 -15.63 12.66
N ILE B 169 9.67 -16.36 11.86
CA ILE B 169 8.20 -16.39 11.87
C ILE B 169 7.66 -17.29 12.96
N PHE B 170 8.25 -18.48 13.10
CA PHE B 170 7.75 -19.44 14.13
C PHE B 170 8.59 -19.62 15.41
N GLY B 171 9.85 -19.19 15.41
CA GLY B 171 10.75 -19.34 16.55
C GLY B 171 10.65 -18.22 17.54
N ASP B 172 11.67 -18.06 18.39
CA ASP B 172 11.56 -17.16 19.53
C ASP B 172 12.59 -16.04 19.59
N THR B 173 13.32 -15.85 18.48
CA THR B 173 14.27 -14.72 18.41
CA THR B 173 14.24 -14.71 18.29
C THR B 173 13.56 -13.37 18.55
N LEU B 174 12.39 -13.20 17.94
CA LEU B 174 11.55 -12.02 18.16
C LEU B 174 10.58 -12.22 19.33
N THR B 175 10.29 -11.15 20.06
CA THR B 175 9.18 -11.14 21.02
C THR B 175 7.89 -11.51 20.32
N TYR B 176 6.88 -11.90 21.10
CA TYR B 176 5.57 -12.27 20.57
C TYR B 176 4.98 -11.08 19.80
N LYS B 177 5.17 -9.87 20.34
CA LYS B 177 4.70 -8.61 19.77
C LYS B 177 5.32 -8.36 18.36
N SER B 178 6.64 -8.42 18.29
CA SER B 178 7.37 -8.18 17.03
C SER B 178 7.10 -9.29 15.99
N LYS B 179 6.94 -10.51 16.47
CA LYS B 179 6.66 -11.63 15.59
C LYS B 179 5.28 -11.49 14.94
N GLY B 180 4.30 -11.13 15.77
CA GLY B 180 2.98 -10.83 15.26
C GLY B 180 3.00 -9.64 14.27
N GLN B 181 3.71 -8.57 14.59
CA GLN B 181 3.84 -7.45 13.68
C GLN B 181 4.39 -7.89 12.32
N LEU B 182 5.45 -8.67 12.37
CA LEU B 182 6.11 -9.17 11.18
C LEU B 182 5.16 -10.02 10.34
N ARG B 183 4.40 -10.90 10.98
CA ARG B 183 3.50 -11.78 10.25
C ARG B 183 2.36 -10.98 9.59
N ARG B 184 1.80 -10.02 10.31
CA ARG B 184 0.68 -9.25 9.72
C ARG B 184 1.19 -8.42 8.52
N LEU B 185 2.38 -7.86 8.66
CA LEU B 185 2.98 -7.11 7.52
C LEU B 185 3.15 -8.02 6.32
N LEU B 186 3.64 -9.24 6.54
CA LEU B 186 3.85 -10.15 5.40
C LEU B 186 2.59 -10.67 4.78
N ILE B 187 1.58 -10.90 5.62
CA ILE B 187 0.28 -11.28 5.06
C ILE B 187 -0.21 -10.17 4.13
N GLY B 188 0.04 -8.92 4.53
CA GLY B 188 -0.38 -7.79 3.70
C GLY B 188 0.54 -7.38 2.56
N ASN B 189 1.56 -8.20 2.26
CA ASN B 189 2.44 -7.99 1.11
C ASN B 189 1.62 -7.74 -0.14
N GLN B 190 2.05 -6.76 -0.92
CA GLN B 190 1.29 -6.37 -2.10
C GLN B 190 1.79 -6.93 -3.42
N THR B 191 2.96 -7.58 -3.43
CA THR B 191 3.61 -8.00 -4.65
C THR B 191 3.51 -9.49 -4.97
N GLY B 192 2.84 -10.28 -4.12
CA GLY B 192 2.91 -11.71 -4.28
C GLY B 192 1.59 -12.38 -4.52
N ASP B 193 0.59 -11.64 -4.99
CA ASP B 193 -0.72 -12.24 -5.14
C ASP B 193 -0.71 -13.32 -6.22
N LYS B 194 0.21 -13.22 -7.15
CA LYS B 194 0.20 -14.14 -8.28
C LYS B 194 1.35 -15.16 -8.18
N THR B 195 2.05 -15.18 -7.05
CA THR B 195 3.20 -16.07 -6.91
C THR B 195 2.83 -17.22 -5.97
N ILE B 196 3.63 -17.52 -4.95
CA ILE B 196 3.37 -18.68 -4.14
C ILE B 196 1.92 -18.72 -3.63
N ARG B 197 1.39 -17.63 -3.08
CA ARG B 197 0.05 -17.75 -2.45
C ARG B 197 -1.05 -18.01 -3.49
N ALA B 198 -0.76 -17.82 -4.76
CA ALA B 198 -1.72 -18.16 -5.79
C ALA B 198 -1.86 -19.69 -5.96
N GLY B 199 -0.93 -20.46 -5.41
CA GLY B 199 -0.97 -21.92 -5.52
C GLY B 199 -1.35 -22.60 -4.22
N LEU B 200 -1.78 -21.81 -3.25
CA LEU B 200 -2.18 -22.28 -1.95
C LEU B 200 -3.68 -22.04 -1.70
N PRO B 201 -4.29 -22.86 -0.83
CA PRO B 201 -5.72 -22.69 -0.60
C PRO B 201 -6.03 -21.34 0.00
N ASP B 202 -7.08 -20.67 -0.45
CA ASP B 202 -7.49 -19.40 0.16
C ASP B 202 -7.86 -19.43 1.64
N SER B 203 -8.16 -20.61 2.16
CA SER B 203 -8.42 -20.79 3.59
C SER B 203 -7.19 -20.76 4.53
N TRP B 204 -5.97 -20.93 3.99
CA TRP B 204 -4.73 -20.99 4.77
C TRP B 204 -4.18 -19.57 5.00
N VAL B 205 -3.67 -19.27 6.18
CA VAL B 205 -3.06 -17.97 6.44
C VAL B 205 -1.70 -17.97 5.69
N THR B 206 -1.44 -16.99 4.80
CA THR B 206 -0.16 -16.91 4.11
C THR B 206 0.42 -15.48 4.06
N GLY B 207 1.73 -15.35 4.27
CA GLY B 207 2.44 -14.09 4.08
C GLY B 207 3.70 -14.40 3.33
N ASP B 208 4.25 -13.42 2.60
CA ASP B 208 5.37 -13.71 1.66
C ASP B 208 6.18 -12.44 1.37
N LYS B 209 7.40 -12.66 0.91
CA LYS B 209 8.25 -11.61 0.40
C LYS B 209 8.80 -12.08 -0.94
N THR B 210 8.50 -11.32 -1.99
CA THR B 210 9.05 -11.61 -3.30
C THR B 210 10.42 -10.98 -3.60
N GLY B 211 11.00 -11.42 -4.71
CA GLY B 211 12.19 -10.75 -5.27
C GLY B 211 12.21 -10.83 -6.78
N SER B 212 12.80 -9.82 -7.41
CA SER B 212 13.02 -9.76 -8.84
C SER B 212 14.46 -9.31 -9.07
N CYS B 213 15.21 -10.03 -9.90
CA CYS B 213 16.66 -9.87 -10.05
C CYS B 213 16.93 -9.66 -11.57
N ALA B 214 18.19 -9.45 -11.91
CA ALA B 214 18.66 -9.54 -13.30
C ALA B 214 18.76 -10.99 -13.75
N ASN B 215 19.11 -11.20 -15.02
CA ASN B 215 19.17 -12.56 -15.60
C ASN B 215 17.89 -13.38 -15.41
N GLY B 216 16.75 -12.69 -15.50
CA GLY B 216 15.42 -13.29 -15.35
C GLY B 216 15.07 -13.84 -13.96
N GLY B 217 15.67 -13.31 -12.90
CA GLY B 217 15.45 -13.84 -11.53
C GLY B 217 14.09 -13.44 -11.03
N ARG B 218 13.29 -14.42 -10.57
CA ARG B 218 12.01 -14.14 -9.92
C ARG B 218 11.82 -15.17 -8.79
N ASN B 219 11.66 -14.66 -7.57
CA ASN B 219 11.73 -15.46 -6.37
C ASN B 219 10.59 -15.11 -5.39
N ASP B 220 10.30 -16.01 -4.44
CA ASP B 220 9.30 -15.75 -3.41
C ASP B 220 9.59 -16.64 -2.25
N VAL B 221 9.39 -16.14 -1.04
CA VAL B 221 9.42 -16.99 0.16
C VAL B 221 8.17 -16.71 0.98
N ALA B 222 7.45 -17.76 1.38
CA ALA B 222 6.16 -17.65 2.03
C ALA B 222 6.10 -18.52 3.29
N PHE B 223 5.54 -18.01 4.37
CA PHE B 223 5.03 -18.86 5.46
C PHE B 223 3.55 -19.12 5.27
N PHE B 224 3.11 -20.26 5.81
CA PHE B 224 1.69 -20.56 5.75
C PHE B 224 1.27 -21.46 6.90
N ILE B 225 0.00 -21.31 7.28
CA ILE B 225 -0.63 -22.13 8.29
C ILE B 225 -1.93 -22.73 7.69
N THR B 226 -2.01 -24.06 7.65
CA THR B 226 -3.18 -24.74 7.07
C THR B 226 -4.37 -24.56 8.06
N THR B 227 -5.57 -24.96 7.65
CA THR B 227 -6.76 -24.89 8.55
C THR B 227 -6.73 -25.92 9.69
N ALA B 228 -5.78 -26.85 9.58
CA ALA B 228 -5.47 -27.79 10.64
C ALA B 228 -4.36 -27.30 11.58
N GLY B 229 -3.89 -26.06 11.41
CA GLY B 229 -2.93 -25.44 12.33
C GLY B 229 -1.48 -25.79 12.09
N LYS B 230 -1.19 -26.45 10.98
CA LYS B 230 0.16 -26.89 10.65
C LYS B 230 0.87 -25.70 9.94
N LYS B 231 2.13 -25.54 10.26
CA LYS B 231 2.94 -24.37 9.91
C LYS B 231 4.13 -24.76 9.04
N TYR B 232 4.33 -24.02 7.95
CA TYR B 232 5.39 -24.32 7.01
C TYR B 232 6.02 -23.03 6.44
N VAL B 233 7.20 -23.19 5.86
CA VAL B 233 7.77 -22.15 4.99
C VAL B 233 8.16 -22.78 3.63
N LEU B 234 7.80 -22.09 2.54
CA LEU B 234 8.21 -22.49 1.20
C LEU B 234 9.05 -21.39 0.55
N SER B 235 10.24 -21.73 0.05
CA SER B 235 11.03 -20.81 -0.80
C SER B 235 11.04 -21.33 -2.23
N VAL B 236 10.94 -20.42 -3.20
CA VAL B 236 11.02 -20.74 -4.62
C VAL B 236 11.93 -19.66 -5.25
N TYR B 237 13.10 -20.08 -5.73
CA TYR B 237 14.00 -19.23 -6.54
C TYR B 237 13.95 -19.66 -8.01
N THR B 238 13.67 -18.73 -8.93
CA THR B 238 13.70 -19.07 -10.37
C THR B 238 14.61 -18.12 -11.17
N ASN B 239 15.18 -18.65 -12.23
CA ASN B 239 15.79 -17.84 -13.28
C ASN B 239 15.21 -18.32 -14.58
N ALA B 240 14.40 -17.49 -15.22
CA ALA B 240 13.77 -17.87 -16.48
C ALA B 240 13.79 -16.67 -17.43
N PRO B 241 14.96 -16.34 -17.98
CA PRO B 241 15.13 -15.07 -18.68
C PRO B 241 14.30 -14.98 -19.96
N GLU B 242 13.87 -16.12 -20.50
CA GLU B 242 13.12 -16.15 -21.76
C GLU B 242 11.61 -16.00 -21.59
N LEU B 243 11.09 -16.09 -20.35
CA LEU B 243 9.68 -15.80 -20.11
C LEU B 243 9.49 -14.30 -19.87
N GLN B 244 8.27 -13.83 -20.06
CA GLN B 244 7.88 -12.51 -19.61
C GLN B 244 7.30 -12.57 -18.17
N GLY B 245 7.13 -11.40 -17.59
CA GLY B 245 6.66 -11.28 -16.20
C GLY B 245 5.50 -12.14 -15.75
N GLU B 246 4.39 -12.10 -16.49
CA GLU B 246 3.17 -12.85 -16.11
C GLU B 246 3.45 -14.36 -16.00
N GLU B 247 4.26 -14.85 -16.92
CA GLU B 247 4.61 -16.23 -16.98
C GLU B 247 5.58 -16.59 -15.85
N ARG B 248 6.45 -15.68 -15.46
CA ARG B 248 7.36 -15.95 -14.36
C ARG B 248 6.59 -16.15 -13.08
N ALA B 249 5.61 -15.29 -12.82
CA ALA B 249 4.77 -15.44 -11.66
C ALA B 249 4.05 -16.79 -11.71
N LEU B 250 3.51 -17.12 -12.87
CA LEU B 250 2.75 -18.34 -13.04
C LEU B 250 3.61 -19.57 -12.72
N LEU B 251 4.87 -19.49 -13.12
CA LEU B 251 5.82 -20.55 -12.83
C LEU B 251 5.96 -20.80 -11.33
N ILE B 252 6.17 -19.73 -10.57
CA ILE B 252 6.27 -19.84 -9.13
C ILE B 252 4.97 -20.43 -8.53
N ALA B 253 3.78 -19.95 -8.93
CA ALA B 253 2.49 -20.49 -8.39
C ALA B 253 2.35 -21.99 -8.68
N SER B 254 2.83 -22.40 -9.83
CA SER B 254 2.82 -23.83 -10.21
C SER B 254 3.73 -24.69 -9.34
N VAL B 255 4.92 -24.18 -8.96
CA VAL B 255 5.80 -24.85 -8.07
C VAL B 255 5.11 -24.96 -6.69
N ALA B 256 4.45 -23.90 -6.23
CA ALA B 256 3.79 -23.97 -4.94
C ALA B 256 2.66 -25.03 -4.96
N LYS B 257 1.96 -25.12 -6.08
CA LYS B 257 0.86 -26.06 -6.17
C LYS B 257 1.37 -27.53 -6.03
N LEU B 258 2.47 -27.83 -6.72
CA LEU B 258 3.17 -29.11 -6.56
C LEU B 258 3.68 -29.37 -5.18
N ALA B 259 4.41 -28.38 -4.65
CA ALA B 259 4.93 -28.51 -3.31
C ALA B 259 3.84 -28.77 -2.31
N ARG B 260 2.67 -28.15 -2.51
CA ARG B 260 1.61 -28.19 -1.49
C ARG B 260 1.06 -29.61 -1.24
N GLN B 261 1.20 -30.46 -2.24
CA GLN B 261 0.77 -31.85 -2.11
C GLN B 261 1.52 -32.65 -1.04
N TYR B 262 2.68 -32.18 -0.57
CA TYR B 262 3.49 -32.86 0.45
C TYR B 262 3.24 -32.41 1.86
N VAL B 263 2.20 -31.61 2.04
CA VAL B 263 1.80 -31.13 3.36
C VAL B 263 0.71 -32.06 3.87
#